data_8XWR
#
_entry.id   8XWR
#
_cell.length_a   54.389
_cell.length_b   79.119
_cell.length_c   88.666
_cell.angle_alpha   90.000
_cell.angle_beta   96.790
_cell.angle_gamma   90.000
#
_symmetry.space_group_name_H-M   'I 1 2 1'
#
loop_
_entity.id
_entity.type
_entity.pdbx_description
1 polymer '3C-like proteinase nsp5'
2 polymer 'cleaved N-terminal product of nsp5/6 substrate peptide'
3 water water
#
loop_
_entity_poly.entity_id
_entity_poly.type
_entity_poly.pdbx_seq_one_letter_code
_entity_poly.pdbx_strand_id
1 'polypeptide(L)'
;SGFRKMAFPSGKVEGCMVQVICGTTTLNGLWLDDVVYCPRHVICTSEDMFNPNYEDLLIRKSNHNFLVQAGNVQLRVIGH
SMQNCVLKLKVDTANPKTPKYKFVRIQPGQTFSVLACYNGSPSGVYQCAMRPNFTIKGSFLNGSAGSVGFNIDYDCVSFC
YMHHMELPTGVHAGTDLEGNFYGPFVDRQTAQAAGTDTTITVNVLAWLYAAVINGDRWFLNRFTTTLNDFNLVAMKYNYE
PLTQDHVDILGPLSAQTGIAVLDMCASLKELLQNGMNGRTILGSALLEDEFTPFDVVRQCSGVTFQ
;
A
2 'polypeptide(L)' CSGVTFQ B
#
# COMPACT_ATOMS: atom_id res chain seq x y z
N SER A 1 25.55 3.30 5.60
CA SER A 1 24.78 3.63 6.79
C SER A 1 23.62 4.54 6.45
N GLY A 2 22.70 4.68 7.38
CA GLY A 2 21.48 5.44 7.23
C GLY A 2 20.29 4.52 6.99
N PHE A 3 19.10 5.02 7.32
CA PHE A 3 17.90 4.22 7.11
C PHE A 3 16.76 5.17 6.79
N ARG A 4 16.22 5.04 5.59
CA ARG A 4 15.21 5.96 5.08
C ARG A 4 13.96 5.19 4.69
N LYS A 5 12.82 5.89 4.70
CA LYS A 5 11.60 5.35 4.08
C LYS A 5 11.84 5.31 2.58
N MET A 6 12.14 4.12 2.06
CA MET A 6 12.62 3.92 0.70
C MET A 6 11.57 3.29 -0.20
N ALA A 7 11.23 3.97 -1.28
CA ALA A 7 10.32 3.43 -2.27
C ALA A 7 11.09 2.75 -3.39
N PHE A 8 10.39 1.89 -4.14
CA PHE A 8 10.99 1.33 -5.33
C PHE A 8 11.11 2.40 -6.42
N PRO A 9 12.08 2.27 -7.31
CA PRO A 9 12.13 3.15 -8.47
C PRO A 9 10.85 3.00 -9.27
N SER A 10 10.30 4.11 -9.72
CA SER A 10 8.93 4.14 -10.23
C SER A 10 8.84 4.10 -11.74
N GLY A 11 9.96 4.11 -12.47
CA GLY A 11 9.92 4.28 -13.91
C GLY A 11 9.06 3.26 -14.62
N LYS A 12 9.16 2.00 -14.22
CA LYS A 12 8.39 0.95 -14.89
C LYS A 12 6.89 1.21 -14.74
N VAL A 13 6.46 1.81 -13.64
CA VAL A 13 5.03 2.07 -13.44
C VAL A 13 4.61 3.36 -14.15
N GLU A 14 5.48 4.38 -14.13
CA GLU A 14 5.19 5.62 -14.82
C GLU A 14 4.75 5.38 -16.25
N GLY A 15 5.43 4.48 -16.95
CA GLY A 15 5.10 4.18 -18.32
C GLY A 15 3.79 3.49 -18.53
N CYS A 16 3.09 3.15 -17.46
CA CYS A 16 1.79 2.51 -17.53
C CYS A 16 0.64 3.42 -17.17
N MET A 17 0.89 4.65 -16.72
CA MET A 17 -0.17 5.48 -16.20
C MET A 17 -0.81 6.27 -17.33
N VAL A 18 -2.15 6.24 -17.38
CA VAL A 18 -2.93 6.97 -18.35
C VAL A 18 -4.03 7.74 -17.62
N GLN A 19 -4.64 8.65 -18.35
CA GLN A 19 -5.81 9.40 -17.89
C GLN A 19 -7.07 8.76 -18.44
N VAL A 20 -8.09 8.63 -17.60
CA VAL A 20 -9.40 8.14 -18.00
C VAL A 20 -10.44 9.19 -17.64
N ILE A 21 -11.23 9.63 -18.61
CA ILE A 21 -12.29 10.59 -18.40
C ILE A 21 -13.60 9.94 -18.81
N CYS A 22 -14.60 10.02 -17.94
CA CYS A 22 -15.96 9.60 -18.28
C CYS A 22 -16.89 10.69 -17.77
N GLY A 23 -17.67 11.26 -18.67
CA GLY A 23 -18.52 12.38 -18.26
C GLY A 23 -17.68 13.54 -17.80
N THR A 24 -17.93 14.00 -16.57
CA THR A 24 -17.15 15.07 -15.97
C THR A 24 -16.17 14.55 -14.91
N THR A 25 -15.90 13.25 -14.89
CA THR A 25 -15.03 12.63 -13.90
C THR A 25 -13.71 12.26 -14.55
N THR A 26 -12.61 12.71 -13.93
CA THR A 26 -11.27 12.39 -14.40
C THR A 26 -10.54 11.63 -13.30
N LEU A 27 -9.93 10.51 -13.67
CA LEU A 27 -9.00 9.84 -12.75
C LEU A 27 -7.95 9.11 -13.59
N ASN A 28 -7.19 8.23 -12.96
CA ASN A 28 -6.06 7.56 -13.60
C ASN A 28 -6.42 6.13 -13.94
N GLY A 29 -5.73 5.60 -14.95
CA GLY A 29 -5.83 4.18 -15.27
C GLY A 29 -4.45 3.57 -15.41
N LEU A 30 -4.41 2.24 -15.33
CA LEU A 30 -3.18 1.47 -15.46
C LEU A 30 -3.24 0.71 -16.77
N TRP A 31 -2.32 1.02 -17.69
CA TRP A 31 -2.34 0.50 -19.06
C TRP A 31 -1.32 -0.63 -19.17
N LEU A 32 -1.79 -1.88 -19.25
CA LEU A 32 -0.93 -3.05 -19.38
C LEU A 32 -1.40 -3.85 -20.58
N ASP A 33 -0.47 -4.16 -21.48
CA ASP A 33 -0.81 -4.79 -22.77
C ASP A 33 -1.94 -3.94 -23.38
N ASP A 34 -3.05 -4.53 -23.82
CA ASP A 34 -4.10 -3.73 -24.44
C ASP A 34 -5.31 -3.51 -23.52
N VAL A 35 -5.09 -3.46 -22.21
CA VAL A 35 -6.17 -3.20 -21.27
C VAL A 35 -5.79 -2.05 -20.36
N VAL A 36 -6.75 -1.18 -20.09
CA VAL A 36 -6.61 -0.11 -19.09
C VAL A 36 -7.51 -0.46 -17.92
N TYR A 37 -6.93 -0.52 -16.71
CA TYR A 37 -7.66 -0.81 -15.49
C TYR A 37 -7.90 0.49 -14.74
N CYS A 38 -9.11 0.72 -14.24
CA CYS A 38 -9.35 1.94 -13.49
C CYS A 38 -10.52 1.73 -12.53
N PRO A 39 -10.66 2.59 -11.51
CA PRO A 39 -11.77 2.45 -10.55
C PRO A 39 -13.12 2.62 -11.24
N ARG A 40 -14.08 1.77 -10.87
CA ARG A 40 -15.35 1.82 -11.60
C ARG A 40 -16.16 3.06 -11.26
N HIS A 41 -15.87 3.74 -10.15
CA HIS A 41 -16.70 4.92 -9.88
C HIS A 41 -16.45 6.05 -10.87
N VAL A 42 -15.55 5.88 -11.84
CA VAL A 42 -15.40 6.89 -12.89
C VAL A 42 -16.71 7.06 -13.67
N ILE A 43 -17.58 6.04 -13.66
CA ILE A 43 -18.85 6.13 -14.39
C ILE A 43 -19.98 6.71 -13.56
N CYS A 44 -19.72 7.14 -12.33
CA CYS A 44 -20.78 7.72 -11.50
C CYS A 44 -21.07 9.16 -11.93
N THR A 45 -22.21 9.66 -11.46
CA THR A 45 -22.57 11.07 -11.56
C THR A 45 -22.63 11.69 -10.17
N SER A 46 -22.70 13.02 -10.13
CA SER A 46 -22.52 13.74 -8.86
C SER A 46 -23.63 13.48 -7.86
N GLU A 47 -24.85 13.21 -8.34
CA GLU A 47 -25.99 13.03 -7.46
C GLU A 47 -26.31 11.56 -7.20
N ASP A 48 -25.49 10.65 -7.68
CA ASP A 48 -25.77 9.22 -7.56
C ASP A 48 -24.54 8.47 -7.04
N MET A 49 -23.96 8.94 -5.93
CA MET A 49 -22.86 8.22 -5.30
C MET A 49 -23.19 7.75 -3.88
N PHE A 50 -24.42 7.94 -3.39
CA PHE A 50 -24.80 7.34 -2.11
C PHE A 50 -24.90 5.82 -2.22
N ASN A 51 -25.46 5.33 -3.33
CA ASN A 51 -25.57 3.89 -3.58
C ASN A 51 -25.70 3.65 -5.07
N PRO A 52 -24.65 3.86 -5.86
CA PRO A 52 -24.78 3.67 -7.30
C PRO A 52 -25.03 2.22 -7.65
N ASN A 53 -25.84 1.99 -8.68
CA ASN A 53 -26.01 0.63 -9.18
C ASN A 53 -25.10 0.56 -10.41
N TYR A 54 -23.93 -0.04 -10.20
CA TYR A 54 -22.88 0.04 -11.22
C TYR A 54 -23.23 -0.78 -12.46
N GLU A 55 -23.98 -1.87 -12.30
CA GLU A 55 -24.37 -2.64 -13.49
C GLU A 55 -25.22 -1.78 -14.42
N ASP A 56 -26.18 -1.05 -13.86
CA ASP A 56 -27.00 -0.14 -14.67
C ASP A 56 -26.14 0.96 -15.28
N LEU A 57 -25.27 1.58 -14.48
CA LEU A 57 -24.46 2.68 -14.99
C LEU A 57 -23.59 2.23 -16.15
N LEU A 58 -23.07 1.00 -16.09
CA LEU A 58 -22.18 0.54 -17.14
C LEU A 58 -22.96 0.12 -18.38
N ILE A 59 -24.17 -0.41 -18.20
CA ILE A 59 -24.97 -0.77 -19.37
C ILE A 59 -25.29 0.47 -20.18
N ARG A 60 -25.41 1.62 -19.52
CA ARG A 60 -25.76 2.87 -20.17
C ARG A 60 -24.57 3.53 -20.86
N LYS A 61 -23.37 2.99 -20.72
CA LYS A 61 -22.19 3.56 -21.35
C LYS A 61 -21.84 2.81 -22.63
N SER A 62 -21.12 3.49 -23.51
CA SER A 62 -20.51 2.92 -24.70
C SER A 62 -19.01 3.15 -24.65
N ASN A 63 -18.29 2.48 -25.55
CA ASN A 63 -16.85 2.66 -25.64
C ASN A 63 -16.46 4.13 -25.78
N HIS A 64 -17.22 4.90 -26.58
CA HIS A 64 -16.82 6.28 -26.82
C HIS A 64 -16.99 7.17 -25.62
N ASN A 65 -17.73 6.75 -24.59
CA ASN A 65 -17.86 7.53 -23.36
C ASN A 65 -16.58 7.55 -22.53
N PHE A 66 -15.61 6.69 -22.82
CA PHE A 66 -14.36 6.60 -22.07
C PHE A 66 -13.25 7.23 -22.91
N LEU A 67 -12.75 8.37 -22.45
CA LEU A 67 -11.61 9.02 -23.10
C LEU A 67 -10.36 8.62 -22.36
N VAL A 68 -9.41 8.01 -23.07
CA VAL A 68 -8.18 7.50 -22.48
C VAL A 68 -7.01 8.20 -23.15
N GLN A 69 -6.19 8.88 -22.34
CA GLN A 69 -5.08 9.67 -22.84
C GLN A 69 -3.79 9.10 -22.27
N ALA A 70 -2.86 8.73 -23.16
CA ALA A 70 -1.55 8.22 -22.77
C ALA A 70 -0.52 9.27 -23.19
N GLY A 71 -0.10 10.10 -22.26
CA GLY A 71 0.76 11.22 -22.60
C GLY A 71 0.06 12.13 -23.58
N ASN A 72 0.57 12.21 -24.81
CA ASN A 72 0.00 13.08 -25.82
C ASN A 72 -0.82 12.35 -26.87
N VAL A 73 -1.06 11.04 -26.71
CA VAL A 73 -1.82 10.27 -27.68
C VAL A 73 -3.07 9.73 -27.02
N GLN A 74 -4.20 9.91 -27.70
CA GLN A 74 -5.46 9.34 -27.22
C GLN A 74 -5.57 7.91 -27.71
N LEU A 75 -5.96 7.00 -26.80
CA LEU A 75 -6.14 5.60 -27.11
C LEU A 75 -7.62 5.33 -27.41
N ARG A 76 -7.85 4.50 -28.41
CA ARG A 76 -9.21 4.15 -28.79
C ARG A 76 -9.69 2.99 -27.93
N VAL A 77 -10.78 3.21 -27.20
CA VAL A 77 -11.43 2.15 -26.43
C VAL A 77 -12.28 1.30 -27.37
N ILE A 78 -12.02 0.00 -27.38
CA ILE A 78 -12.75 -0.93 -28.24
C ILE A 78 -13.54 -1.97 -27.45
N GLY A 79 -13.53 -1.89 -26.12
CA GLY A 79 -14.34 -2.77 -25.31
C GLY A 79 -14.30 -2.31 -23.88
N HIS A 80 -15.33 -2.68 -23.12
CA HIS A 80 -15.36 -2.33 -21.70
C HIS A 80 -16.07 -3.41 -20.91
N SER A 81 -15.56 -3.70 -19.71
CA SER A 81 -16.24 -4.60 -18.80
C SER A 81 -15.92 -4.21 -17.37
N MET A 82 -16.65 -4.83 -16.45
CA MET A 82 -16.52 -4.63 -15.00
C MET A 82 -16.01 -5.91 -14.38
N GLN A 83 -15.00 -5.81 -13.52
CA GLN A 83 -14.60 -6.95 -12.70
C GLN A 83 -14.55 -6.43 -11.27
N ASN A 84 -15.50 -6.87 -10.43
CA ASN A 84 -15.58 -6.36 -9.06
C ASN A 84 -15.66 -4.84 -9.11
N CYS A 85 -14.74 -4.13 -8.43
CA CYS A 85 -14.83 -2.69 -8.40
C CYS A 85 -13.88 -2.00 -9.39
N VAL A 86 -13.35 -2.72 -10.37
CA VAL A 86 -12.57 -2.03 -11.40
C VAL A 86 -13.22 -2.22 -12.76
N LEU A 87 -12.94 -1.29 -13.65
CA LEU A 87 -13.30 -1.37 -15.06
C LEU A 87 -12.09 -1.84 -15.83
N LYS A 88 -12.32 -2.68 -16.83
CA LYS A 88 -11.28 -3.06 -17.78
C LYS A 88 -11.67 -2.48 -19.14
N LEU A 89 -10.88 -1.52 -19.61
CA LEU A 89 -11.13 -0.88 -20.90
C LEU A 89 -10.14 -1.44 -21.91
N LYS A 90 -10.65 -2.24 -22.85
CA LYS A 90 -9.80 -2.78 -23.90
C LYS A 90 -9.52 -1.69 -24.91
N VAL A 91 -8.26 -1.52 -25.28
CA VAL A 91 -7.83 -0.48 -26.22
C VAL A 91 -7.21 -1.16 -27.44
N ASP A 92 -7.09 -0.38 -28.52
CA ASP A 92 -6.64 -1.00 -29.75
C ASP A 92 -5.13 -1.05 -29.87
N THR A 93 -4.40 -0.65 -28.83
CA THR A 93 -2.95 -0.57 -28.86
C THR A 93 -2.42 -1.22 -27.59
N ALA A 94 -1.46 -2.13 -27.74
CA ALA A 94 -0.81 -2.67 -26.56
C ALA A 94 0.23 -1.67 -26.08
N ASN A 95 0.33 -1.51 -24.77
CA ASN A 95 1.33 -0.59 -24.22
C ASN A 95 2.74 -1.08 -24.54
N PRO A 96 3.52 -0.37 -25.35
CA PRO A 96 4.86 -0.86 -25.67
C PRO A 96 5.80 -0.82 -24.47
N LYS A 97 5.42 -0.13 -23.40
CA LYS A 97 6.22 -0.04 -22.19
C LYS A 97 5.73 -0.97 -21.09
N THR A 98 4.89 -1.95 -21.43
CA THR A 98 4.40 -2.88 -20.42
C THR A 98 5.56 -3.64 -19.79
N PRO A 99 5.78 -3.53 -18.49
CA PRO A 99 6.84 -4.31 -17.85
C PRO A 99 6.38 -5.74 -17.62
N LYS A 100 7.34 -6.60 -17.29
CA LYS A 100 6.99 -7.86 -16.64
C LYS A 100 6.22 -7.52 -15.37
N TYR A 101 5.06 -8.14 -15.18
CA TYR A 101 4.24 -7.77 -14.03
C TYR A 101 3.41 -8.95 -13.53
N LYS A 102 2.95 -8.78 -12.29
CA LYS A 102 1.97 -9.67 -11.68
C LYS A 102 0.98 -8.83 -10.89
N PHE A 103 -0.20 -9.40 -10.66
CA PHE A 103 -1.16 -8.84 -9.71
C PHE A 103 -1.09 -9.68 -8.43
N VAL A 104 -0.93 -9.01 -7.29
CA VAL A 104 -0.86 -9.70 -6.00
C VAL A 104 -1.82 -9.03 -5.03
N ARG A 105 -2.48 -9.83 -4.22
CA ARG A 105 -3.28 -9.32 -3.11
C ARG A 105 -2.47 -9.48 -1.83
N ILE A 106 -2.10 -8.37 -1.19
CA ILE A 106 -1.16 -8.43 -0.07
C ILE A 106 -1.91 -8.65 1.24
N GLN A 107 -1.17 -9.11 2.24
CA GLN A 107 -1.62 -9.25 3.61
C GLN A 107 -1.40 -7.95 4.38
N PRO A 108 -2.21 -7.74 5.41
CA PRO A 108 -1.97 -6.60 6.30
C PRO A 108 -0.57 -6.68 6.90
N GLY A 109 0.06 -5.52 7.03
CA GLY A 109 1.43 -5.44 7.47
C GLY A 109 2.45 -5.35 6.36
N GLN A 110 2.10 -5.76 5.14
CA GLN A 110 3.01 -5.65 4.02
C GLN A 110 3.04 -4.22 3.50
N THR A 111 4.19 -3.83 2.99
CA THR A 111 4.41 -2.48 2.50
C THR A 111 4.42 -2.47 0.99
N PHE A 112 4.31 -1.27 0.43
CA PHE A 112 4.37 -1.07 -1.00
C PHE A 112 4.65 0.40 -1.29
N SER A 113 5.13 0.64 -2.51
CA SER A 113 5.36 1.99 -3.00
C SER A 113 4.10 2.46 -3.72
N VAL A 114 3.77 3.73 -3.54
CA VAL A 114 2.64 4.34 -4.23
C VAL A 114 3.18 5.36 -5.21
N LEU A 115 2.73 5.30 -6.45
CA LEU A 115 3.02 6.36 -7.42
C LEU A 115 1.75 7.19 -7.51
N ALA A 116 1.74 8.32 -6.80
CA ALA A 116 0.56 9.18 -6.81
C ALA A 116 0.50 9.92 -8.14
N CYS A 117 -0.66 9.89 -8.77
CA CYS A 117 -0.86 10.46 -10.11
C CYS A 117 -2.10 11.32 -10.16
N TYR A 118 -2.06 12.32 -11.04
CA TYR A 118 -3.22 13.15 -11.37
C TYR A 118 -3.24 13.35 -12.87
N ASN A 119 -4.43 13.27 -13.47
CA ASN A 119 -4.59 13.45 -14.92
C ASN A 119 -3.65 12.53 -15.71
N GLY A 120 -3.48 11.29 -15.22
CA GLY A 120 -2.61 10.33 -15.84
C GLY A 120 -1.12 10.61 -15.72
N SER A 121 -0.72 11.63 -14.96
CA SER A 121 0.68 12.03 -14.87
C SER A 121 1.23 11.82 -13.46
N PRO A 122 2.39 11.19 -13.32
CA PRO A 122 2.95 10.95 -11.99
C PRO A 122 3.31 12.24 -11.27
N SER A 123 2.92 12.32 -9.99
CA SER A 123 3.20 13.44 -9.09
C SER A 123 4.32 13.14 -8.09
N GLY A 124 4.33 11.95 -7.51
CA GLY A 124 5.37 11.62 -6.55
C GLY A 124 5.24 10.19 -6.12
N VAL A 125 6.23 9.74 -5.36
CA VAL A 125 6.33 8.36 -4.93
C VAL A 125 6.59 8.34 -3.43
N TYR A 126 5.89 7.45 -2.74
CA TYR A 126 6.13 7.29 -1.32
C TYR A 126 5.81 5.86 -0.92
N GLN A 127 6.26 5.50 0.27
CA GLN A 127 6.07 4.17 0.80
C GLN A 127 4.96 4.15 1.84
N CYS A 128 4.19 3.07 1.87
CA CYS A 128 3.22 2.91 2.95
C CYS A 128 2.96 1.43 3.17
N ALA A 129 2.14 1.14 4.18
CA ALA A 129 1.83 -0.22 4.59
C ALA A 129 0.32 -0.44 4.54
N MET A 130 -0.08 -1.68 4.25
CA MET A 130 -1.47 -2.08 4.43
C MET A 130 -1.69 -2.16 5.95
N ARG A 131 -2.51 -1.29 6.51
CA ARG A 131 -2.70 -1.34 7.96
C ARG A 131 -3.46 -2.61 8.36
N PRO A 132 -3.35 -3.03 9.63
CA PRO A 132 -4.16 -4.17 10.08
C PRO A 132 -5.64 -3.97 9.89
N ASN A 133 -6.13 -2.72 9.89
CA ASN A 133 -7.54 -2.48 9.61
C ASN A 133 -7.82 -2.26 8.13
N PHE A 134 -6.85 -2.54 7.26
CA PHE A 134 -6.99 -2.55 5.80
C PHE A 134 -7.23 -1.17 5.21
N THR A 135 -6.86 -0.13 5.93
CA THR A 135 -6.70 1.20 5.37
C THR A 135 -5.22 1.41 5.06
N ILE A 136 -4.94 2.42 4.28
CA ILE A 136 -3.55 2.85 4.12
C ILE A 136 -3.46 4.33 4.44
N LYS A 137 -2.35 4.72 5.07
CA LYS A 137 -2.14 6.12 5.44
C LYS A 137 -1.37 6.75 4.29
N GLY A 138 -2.13 7.15 3.26
CA GLY A 138 -1.55 7.65 2.02
C GLY A 138 -1.52 9.16 1.99
N SER A 139 -1.26 9.69 0.80
CA SER A 139 -1.33 11.13 0.55
C SER A 139 -2.00 11.29 -0.81
N PHE A 140 -3.29 11.61 -0.79
CA PHE A 140 -4.14 11.48 -1.96
C PHE A 140 -5.13 12.63 -1.99
N LEU A 141 -5.29 13.24 -3.15
CA LEU A 141 -6.25 14.32 -3.37
C LEU A 141 -7.30 13.85 -4.37
N ASN A 142 -8.35 14.65 -4.54
CA ASN A 142 -9.32 14.34 -5.60
C ASN A 142 -8.60 14.25 -6.94
N GLY A 143 -8.94 13.20 -7.71
CA GLY A 143 -8.30 12.93 -8.97
C GLY A 143 -7.20 11.89 -8.91
N SER A 144 -6.84 11.43 -7.71
CA SER A 144 -5.75 10.47 -7.55
C SER A 144 -6.22 9.03 -7.65
N ALA A 145 -7.52 8.78 -7.64
CA ALA A 145 -7.97 7.39 -7.79
C ALA A 145 -7.41 6.80 -9.08
N GLY A 146 -7.11 5.50 -9.04
CA GLY A 146 -6.40 4.86 -10.11
C GLY A 146 -4.90 4.85 -9.97
N SER A 147 -4.34 5.70 -9.11
CA SER A 147 -2.95 5.53 -8.71
C SER A 147 -2.77 4.14 -8.11
N VAL A 148 -1.60 3.54 -8.33
CA VAL A 148 -1.37 2.17 -7.91
C VAL A 148 -0.23 2.08 -6.90
N GLY A 149 -0.30 1.01 -6.10
CA GLY A 149 0.77 0.62 -5.21
C GLY A 149 1.41 -0.65 -5.74
N PHE A 150 2.71 -0.80 -5.48
CA PHE A 150 3.46 -1.89 -6.10
C PHE A 150 4.72 -2.20 -5.32
N ASN A 151 5.24 -3.40 -5.57
CA ASN A 151 6.59 -3.82 -5.22
C ASN A 151 7.29 -4.29 -6.48
N ILE A 152 8.62 -4.28 -6.48
CA ILE A 152 9.38 -4.80 -7.60
C ILE A 152 10.29 -5.91 -7.10
N ASP A 153 10.42 -6.96 -7.90
CA ASP A 153 11.38 -8.03 -7.67
C ASP A 153 12.14 -8.28 -8.96
N TYR A 154 13.44 -7.96 -8.95
CA TYR A 154 14.26 -8.00 -10.15
C TYR A 154 13.64 -7.13 -11.24
N ASP A 155 13.01 -7.74 -12.23
CA ASP A 155 12.41 -6.97 -13.32
C ASP A 155 10.88 -6.96 -13.28
N CYS A 156 10.27 -7.60 -12.29
CA CYS A 156 8.84 -7.85 -12.28
C CYS A 156 8.13 -6.91 -11.32
N VAL A 157 7.17 -6.16 -11.83
CA VAL A 157 6.37 -5.26 -11.00
C VAL A 157 5.18 -6.04 -10.48
N SER A 158 5.04 -6.15 -9.16
CA SER A 158 3.88 -6.80 -8.53
C SER A 158 2.93 -5.69 -8.07
N PHE A 159 1.86 -5.47 -8.82
CA PHE A 159 0.88 -4.47 -8.46
C PHE A 159 -0.01 -5.02 -7.36
N CYS A 160 -0.23 -4.24 -6.30
CA CYS A 160 -1.02 -4.75 -5.18
C CYS A 160 -2.13 -3.84 -4.71
N TYR A 161 -2.20 -2.60 -5.18
CA TYR A 161 -3.19 -1.65 -4.69
C TYR A 161 -3.56 -0.73 -5.84
N MET A 162 -4.85 -0.44 -5.95
CA MET A 162 -5.32 0.66 -6.77
C MET A 162 -6.19 1.55 -5.91
N HIS A 163 -5.90 2.86 -5.93
CA HIS A 163 -6.56 3.77 -5.00
C HIS A 163 -7.98 4.11 -5.45
N HIS A 164 -8.92 4.14 -4.50
CA HIS A 164 -10.31 4.51 -4.81
C HIS A 164 -10.81 5.74 -4.05
N MET A 165 -10.59 5.83 -2.75
CA MET A 165 -11.35 6.80 -1.97
C MET A 165 -10.70 7.11 -0.64
N GLU A 166 -11.25 8.12 0.04
CA GLU A 166 -10.72 8.58 1.32
C GLU A 166 -11.81 8.50 2.38
N LEU A 167 -11.46 7.90 3.51
CA LEU A 167 -12.40 7.80 4.62
C LEU A 167 -12.39 9.11 5.42
N PRO A 168 -13.44 9.37 6.21
CA PRO A 168 -13.53 10.68 6.89
C PRO A 168 -12.44 10.94 7.90
N THR A 169 -11.73 9.91 8.36
CA THR A 169 -10.55 10.12 9.19
C THR A 169 -9.31 10.52 8.41
N GLY A 170 -9.39 10.63 7.08
CA GLY A 170 -8.25 11.04 6.29
C GLY A 170 -7.34 9.92 5.86
N VAL A 171 -7.70 8.67 6.12
CA VAL A 171 -6.94 7.53 5.61
C VAL A 171 -7.62 7.00 4.36
N HIS A 172 -7.02 6.00 3.72
CA HIS A 172 -7.40 5.70 2.34
C HIS A 172 -7.80 4.26 2.17
N ALA A 173 -8.68 4.03 1.20
CA ALA A 173 -9.18 2.70 0.91
C ALA A 173 -9.14 2.43 -0.59
N GLY A 174 -8.92 1.17 -0.93
CA GLY A 174 -8.80 0.81 -2.33
C GLY A 174 -8.82 -0.68 -2.49
N THR A 175 -8.46 -1.14 -3.69
CA THR A 175 -8.66 -2.53 -4.08
C THR A 175 -7.36 -3.17 -4.51
N ASP A 176 -7.38 -4.50 -4.62
CA ASP A 176 -6.35 -5.15 -5.42
C ASP A 176 -6.63 -4.87 -6.90
N LEU A 177 -5.77 -5.38 -7.78
CA LEU A 177 -5.93 -5.04 -9.19
C LEU A 177 -6.97 -5.91 -9.88
N GLU A 178 -7.58 -6.83 -9.14
CA GLU A 178 -8.80 -7.48 -9.59
C GLU A 178 -10.04 -6.76 -9.13
N GLY A 179 -9.91 -5.65 -8.42
CA GLY A 179 -11.07 -4.88 -8.03
C GLY A 179 -11.69 -5.25 -6.69
N ASN A 180 -11.05 -6.11 -5.90
CA ASN A 180 -11.58 -6.50 -4.60
C ASN A 180 -11.06 -5.53 -3.55
N PHE A 181 -11.97 -4.88 -2.81
CA PHE A 181 -11.49 -3.97 -1.77
C PHE A 181 -10.64 -4.71 -0.76
N TYR A 182 -9.65 -4.02 -0.23
CA TYR A 182 -9.06 -4.39 1.05
C TYR A 182 -9.99 -3.93 2.16
N GLY A 183 -10.25 -4.81 3.13
CA GLY A 183 -11.12 -4.44 4.23
C GLY A 183 -12.59 -4.54 3.87
N PRO A 184 -13.44 -4.04 4.76
CA PRO A 184 -14.91 -4.17 4.59
C PRO A 184 -15.54 -3.11 3.70
N PHE A 185 -14.74 -2.28 3.05
CA PHE A 185 -15.28 -1.08 2.42
C PHE A 185 -15.95 -1.40 1.08
N VAL A 186 -16.87 -0.52 0.70
CA VAL A 186 -17.60 -0.59 -0.57
C VAL A 186 -17.51 0.78 -1.22
N ASP A 187 -17.59 0.83 -2.56
CA ASP A 187 -17.48 2.14 -3.22
C ASP A 187 -18.86 2.80 -3.22
N ARG A 188 -19.22 3.34 -2.06
CA ARG A 188 -20.39 4.18 -1.81
C ARG A 188 -19.96 5.36 -0.95
N GLN A 189 -20.50 6.55 -1.22
CA GLN A 189 -20.14 7.72 -0.41
C GLN A 189 -21.06 7.78 0.82
N THR A 190 -20.77 6.87 1.74
CA THR A 190 -21.53 6.59 2.94
C THR A 190 -20.59 6.54 4.15
N ALA A 191 -21.20 6.55 5.33
CA ALA A 191 -20.44 6.32 6.56
C ALA A 191 -20.08 4.84 6.63
N GLN A 192 -18.79 4.56 6.79
CA GLN A 192 -18.31 3.18 6.80
C GLN A 192 -17.33 3.00 7.94
N ALA A 193 -17.61 2.04 8.83
CA ALA A 193 -16.78 1.83 10.00
C ALA A 193 -15.45 1.20 9.62
N ALA A 194 -14.34 1.87 9.95
CA ALA A 194 -13.03 1.25 9.90
C ALA A 194 -12.70 0.62 11.26
N GLY A 195 -12.13 -0.58 11.23
CA GLY A 195 -11.74 -1.20 12.47
C GLY A 195 -10.72 -0.36 13.23
N THR A 196 -10.68 -0.54 14.54
CA THR A 196 -9.62 0.10 15.31
C THR A 196 -8.28 -0.46 14.87
N ASP A 197 -7.35 0.42 14.54
CA ASP A 197 -6.08 -0.08 14.04
C ASP A 197 -5.18 -0.52 15.19
N THR A 198 -4.19 -1.31 14.83
CA THR A 198 -3.18 -1.83 15.74
C THR A 198 -1.81 -1.63 15.12
N THR A 199 -0.79 -1.83 15.95
CA THR A 199 0.59 -1.64 15.52
C THR A 199 1.16 -2.97 15.05
N ILE A 200 1.93 -2.93 13.96
CA ILE A 200 2.44 -4.12 13.28
C ILE A 200 3.72 -4.56 14.00
N THR A 201 3.57 -5.50 14.93
CA THR A 201 4.65 -5.88 15.84
C THR A 201 5.89 -6.37 15.11
N VAL A 202 5.71 -7.29 14.16
CA VAL A 202 6.86 -7.86 13.46
C VAL A 202 7.64 -6.78 12.73
N ASN A 203 6.96 -5.75 12.24
CA ASN A 203 7.63 -4.65 11.56
C ASN A 203 8.40 -3.79 12.55
N VAL A 204 7.81 -3.51 13.72
CA VAL A 204 8.56 -2.76 14.72
C VAL A 204 9.85 -3.50 15.05
N LEU A 205 9.77 -4.82 15.22
CA LEU A 205 10.97 -5.59 15.51
C LEU A 205 11.97 -5.51 14.35
N ALA A 206 11.50 -5.62 13.12
CA ALA A 206 12.38 -5.45 11.96
C ALA A 206 13.14 -4.12 12.04
N TRP A 207 12.42 -3.05 12.37
CA TRP A 207 13.01 -1.72 12.39
C TRP A 207 13.99 -1.58 13.55
N LEU A 208 13.73 -2.25 14.67
CA LEU A 208 14.74 -2.27 15.74
C LEU A 208 15.99 -3.00 15.30
N TYR A 209 15.85 -4.04 14.47
CA TYR A 209 17.03 -4.67 13.88
C TYR A 209 17.76 -3.73 12.93
N ALA A 210 17.02 -3.01 12.08
CA ALA A 210 17.65 -1.98 11.26
C ALA A 210 18.41 -0.98 12.12
N ALA A 211 17.86 -0.60 13.27
CA ALA A 211 18.55 0.35 14.14
C ALA A 211 19.88 -0.22 14.62
N VAL A 212 19.87 -1.49 15.04
CA VAL A 212 21.10 -2.14 15.49
C VAL A 212 22.12 -2.19 14.36
N ILE A 213 21.68 -2.56 13.16
CA ILE A 213 22.59 -2.63 12.03
C ILE A 213 23.23 -1.28 11.78
N ASN A 214 22.50 -0.21 12.07
CA ASN A 214 22.97 1.16 11.87
C ASN A 214 23.63 1.75 13.09
N GLY A 215 23.87 0.95 14.13
CA GLY A 215 24.63 1.40 15.28
C GLY A 215 23.85 1.98 16.45
N ASP A 216 22.51 2.05 16.37
CA ASP A 216 21.70 2.43 17.53
C ASP A 216 21.47 1.21 18.40
N ARG A 217 22.09 1.20 19.59
CA ARG A 217 22.00 0.03 20.46
C ARG A 217 21.52 0.33 21.87
N TRP A 218 21.16 1.58 22.19
CA TRP A 218 20.89 1.96 23.57
C TRP A 218 19.70 1.23 24.17
N PHE A 219 18.77 0.77 23.35
CA PHE A 219 17.58 0.09 23.83
C PHE A 219 17.79 -1.41 24.06
N LEU A 220 18.96 -1.95 23.74
CA LEU A 220 19.18 -3.37 23.94
C LEU A 220 19.36 -3.66 25.43
N ASN A 221 19.10 -4.91 25.81
CA ASN A 221 19.28 -5.32 27.21
C ASN A 221 19.65 -6.80 27.24
N ARG A 222 19.99 -7.26 28.45
CA ARG A 222 20.49 -8.62 28.61
C ARG A 222 19.38 -9.64 28.75
N PHE A 223 18.13 -9.20 28.82
CA PHE A 223 16.98 -10.07 29.09
C PHE A 223 16.45 -10.71 27.82
N THR A 224 15.79 -11.85 28.02
CA THR A 224 15.00 -12.52 26.99
C THR A 224 13.65 -12.81 27.61
N THR A 225 12.62 -12.80 26.77
CA THR A 225 11.26 -13.07 27.22
C THR A 225 10.76 -14.32 26.50
N THR A 226 9.64 -14.84 26.96
CA THR A 226 8.98 -15.89 26.19
C THR A 226 7.99 -15.26 25.23
N LEU A 227 7.69 -16.00 24.17
CA LEU A 227 6.66 -15.56 23.22
C LEU A 227 5.34 -15.27 23.92
N ASN A 228 4.89 -16.18 24.80
CA ASN A 228 3.63 -15.96 25.51
C ASN A 228 3.68 -14.71 26.38
N ASP A 229 4.78 -14.52 27.11
CA ASP A 229 4.86 -13.33 27.97
C ASP A 229 4.90 -12.06 27.14
N PHE A 230 5.60 -12.07 26.01
CA PHE A 230 5.66 -10.87 25.19
C PHE A 230 4.29 -10.55 24.63
N ASN A 231 3.56 -11.57 24.18
CA ASN A 231 2.25 -11.33 23.58
C ASN A 231 1.25 -10.78 24.60
N LEU A 232 1.45 -11.07 25.89
CA LEU A 232 0.62 -10.41 26.91
C LEU A 232 0.87 -8.91 26.91
N VAL A 233 2.13 -8.49 26.78
CA VAL A 233 2.42 -7.06 26.75
C VAL A 233 1.91 -6.44 25.45
N ALA A 234 2.10 -7.13 24.33
CA ALA A 234 1.63 -6.62 23.04
C ALA A 234 0.14 -6.31 23.10
N MET A 235 -0.65 -7.22 23.65
CA MET A 235 -2.09 -7.01 23.70
C MET A 235 -2.45 -5.80 24.53
N LYS A 236 -1.71 -5.54 25.61
CA LYS A 236 -1.99 -4.38 26.45
C LYS A 236 -1.70 -3.07 25.72
N TYR A 237 -0.73 -3.06 24.82
CA TYR A 237 -0.35 -1.84 24.10
C TYR A 237 -0.92 -1.78 22.69
N ASN A 238 -1.93 -2.59 22.38
CA ASN A 238 -2.59 -2.54 21.07
C ASN A 238 -1.62 -2.86 19.94
N TYR A 239 -0.76 -3.85 20.19
CA TYR A 239 0.15 -4.39 19.20
C TYR A 239 -0.42 -5.73 18.72
N GLU A 240 -0.14 -6.07 17.46
CA GLU A 240 -0.57 -7.36 16.96
C GLU A 240 0.17 -8.49 17.66
N PRO A 241 -0.43 -9.67 17.74
CA PRO A 241 0.30 -10.81 18.30
C PRO A 241 1.50 -11.17 17.42
N LEU A 242 2.58 -11.60 18.06
CA LEU A 242 3.74 -12.11 17.35
C LEU A 242 3.59 -13.62 17.27
N THR A 243 3.67 -14.16 16.05
CA THR A 243 3.56 -15.59 15.85
C THR A 243 4.93 -16.21 15.66
N GLN A 244 4.97 -17.55 15.72
CA GLN A 244 6.20 -18.24 15.42
C GLN A 244 6.64 -18.01 13.98
N ASP A 245 5.67 -17.86 13.06
CA ASP A 245 6.05 -17.56 11.68
C ASP A 245 6.76 -16.21 11.60
N HIS A 246 6.29 -15.23 12.37
CA HIS A 246 6.98 -13.95 12.45
C HIS A 246 8.39 -14.13 12.98
N VAL A 247 8.53 -14.94 14.04
CA VAL A 247 9.86 -15.21 14.57
C VAL A 247 10.76 -15.82 13.51
N ASP A 248 10.22 -16.75 12.71
CA ASP A 248 11.02 -17.34 11.64
C ASP A 248 11.35 -16.32 10.55
N ILE A 249 10.41 -15.45 10.20
CA ILE A 249 10.70 -14.43 9.18
C ILE A 249 11.81 -13.50 9.64
N LEU A 250 11.89 -13.23 10.93
CA LEU A 250 12.95 -12.39 11.46
C LEU A 250 14.27 -13.12 11.58
N GLY A 251 14.32 -14.39 11.17
CA GLY A 251 15.52 -15.19 11.24
C GLY A 251 16.76 -14.53 10.68
N PRO A 252 16.74 -14.13 9.40
CA PRO A 252 17.93 -13.50 8.80
C PRO A 252 18.45 -12.29 9.58
N LEU A 253 17.58 -11.40 10.03
CA LEU A 253 18.03 -10.22 10.79
C LEU A 253 18.56 -10.61 12.16
N SER A 254 17.95 -11.61 12.80
CA SER A 254 18.46 -12.12 14.06
C SER A 254 19.86 -12.71 13.89
N ALA A 255 20.08 -13.46 12.80
CA ALA A 255 21.38 -14.09 12.58
C ALA A 255 22.45 -13.05 12.28
N GLN A 256 22.10 -12.02 11.50
CA GLN A 256 23.08 -11.02 11.13
C GLN A 256 23.52 -10.19 12.34
N THR A 257 22.60 -9.86 13.22
CA THR A 257 22.94 -9.02 14.37
C THR A 257 23.35 -9.85 15.58
N GLY A 258 23.12 -11.15 15.57
CA GLY A 258 23.39 -11.97 16.73
C GLY A 258 22.46 -11.74 17.90
N ILE A 259 21.31 -11.12 17.67
CA ILE A 259 20.34 -10.82 18.72
C ILE A 259 19.13 -11.70 18.45
N ALA A 260 18.89 -12.66 19.34
CA ALA A 260 17.75 -13.55 19.17
C ALA A 260 16.47 -12.75 19.16
N VAL A 261 15.47 -13.26 18.43
CA VAL A 261 14.19 -12.56 18.32
C VAL A 261 13.58 -12.30 19.69
N LEU A 262 13.57 -13.33 20.56
CA LEU A 262 12.95 -13.11 21.86
C LEU A 262 13.78 -12.19 22.74
N ASP A 263 15.06 -12.06 22.45
CA ASP A 263 15.90 -11.05 23.08
C ASP A 263 15.48 -9.64 22.64
N MET A 264 15.28 -9.45 21.34
CA MET A 264 14.79 -8.15 20.90
C MET A 264 13.38 -7.88 21.41
N CYS A 265 12.57 -8.93 21.60
CA CYS A 265 11.24 -8.71 22.16
C CYS A 265 11.34 -8.13 23.57
N ALA A 266 12.36 -8.51 24.34
CA ALA A 266 12.51 -7.93 25.66
C ALA A 266 12.82 -6.43 25.59
N SER A 267 13.61 -6.01 24.60
CA SER A 267 13.80 -4.58 24.35
C SER A 267 12.48 -3.89 24.04
N LEU A 268 11.67 -4.49 23.15
CA LEU A 268 10.43 -3.84 22.75
C LEU A 268 9.49 -3.72 23.95
N LYS A 269 9.42 -4.74 24.80
CA LYS A 269 8.61 -4.65 26.01
C LYS A 269 9.04 -3.47 26.87
N GLU A 270 10.36 -3.31 27.08
CA GLU A 270 10.84 -2.21 27.91
C GLU A 270 10.50 -0.86 27.28
N LEU A 271 10.63 -0.74 25.96
CA LEU A 271 10.28 0.50 25.27
C LEU A 271 8.79 0.82 25.42
N LEU A 272 7.94 -0.21 25.33
CA LEU A 272 6.50 0.02 25.48
C LEU A 272 6.16 0.49 26.89
N GLN A 273 6.81 -0.10 27.90
CA GLN A 273 6.45 0.17 29.30
C GLN A 273 7.07 1.47 29.81
N ASN A 274 8.28 1.80 29.37
CA ASN A 274 9.00 2.95 29.90
C ASN A 274 9.21 4.07 28.91
N GLY A 275 8.86 3.90 27.64
CA GLY A 275 9.11 4.95 26.68
C GLY A 275 10.59 5.06 26.35
N MET A 276 10.93 6.16 25.70
CA MET A 276 12.25 6.35 25.13
C MET A 276 13.15 7.24 25.99
N ASN A 277 12.59 7.90 27.02
CA ASN A 277 13.35 8.74 27.94
C ASN A 277 14.15 9.79 27.18
N GLY A 278 13.48 10.45 26.24
CA GLY A 278 14.06 11.55 25.49
C GLY A 278 15.00 11.15 24.36
N ARG A 279 15.23 9.87 24.14
CA ARG A 279 16.12 9.41 23.09
C ARG A 279 15.32 9.10 21.83
N THR A 280 16.03 8.87 20.73
CA THR A 280 15.41 8.53 19.46
C THR A 280 16.05 7.27 18.89
N ILE A 281 15.32 6.63 17.98
CA ILE A 281 15.81 5.44 17.28
C ILE A 281 15.69 5.74 15.79
N LEU A 282 16.80 5.69 15.07
CA LEU A 282 16.83 6.01 13.63
C LEU A 282 16.08 7.30 13.32
N GLY A 283 16.34 8.32 14.13
CA GLY A 283 15.72 9.61 13.93
C GLY A 283 14.27 9.74 14.32
N SER A 284 13.71 8.73 14.99
CA SER A 284 12.29 8.75 15.33
C SER A 284 12.10 8.69 16.84
N ALA A 285 11.13 9.45 17.34
CA ALA A 285 10.75 9.35 18.74
C ALA A 285 9.57 8.40 18.94
N LEU A 286 9.05 7.81 17.88
CA LEU A 286 8.00 6.82 17.96
C LEU A 286 8.52 5.51 17.41
N LEU A 287 7.85 4.42 17.79
CA LEU A 287 8.22 3.11 17.29
C LEU A 287 7.61 2.91 15.92
N GLU A 288 8.45 2.75 14.92
CA GLU A 288 8.04 2.73 13.53
C GLU A 288 7.63 1.33 13.09
N ASP A 289 6.47 1.22 12.42
CA ASP A 289 5.99 -0.10 12.04
C ASP A 289 5.68 -0.25 10.54
N GLU A 290 6.20 0.62 9.68
CA GLU A 290 5.96 0.45 8.25
C GLU A 290 7.22 0.05 7.47
N PHE A 291 8.11 -0.71 8.11
CA PHE A 291 9.19 -1.45 7.44
C PHE A 291 9.02 -2.93 7.74
N THR A 292 8.90 -3.74 6.69
CA THR A 292 8.88 -5.19 6.88
C THR A 292 10.29 -5.71 7.10
N PRO A 293 10.41 -6.95 7.57
CA PRO A 293 11.74 -7.60 7.57
C PRO A 293 12.42 -7.57 6.23
N PHE A 294 11.67 -7.81 5.14
CA PHE A 294 12.28 -7.77 3.82
C PHE A 294 12.73 -6.36 3.48
N ASP A 295 11.95 -5.35 3.86
CA ASP A 295 12.36 -3.96 3.61
C ASP A 295 13.71 -3.68 4.24
N VAL A 296 13.94 -4.17 5.46
CA VAL A 296 15.19 -3.91 6.15
C VAL A 296 16.34 -4.57 5.42
N VAL A 297 16.17 -5.85 5.08
CA VAL A 297 17.23 -6.57 4.36
C VAL A 297 17.51 -5.90 3.02
N ARG A 298 16.46 -5.53 2.29
CA ARG A 298 16.58 -4.85 1.00
C ARG A 298 17.45 -3.62 1.10
N GLN A 299 17.21 -2.80 2.12
CA GLN A 299 17.87 -1.50 2.16
C GLN A 299 19.24 -1.60 2.79
N CYS A 300 19.42 -2.50 3.76
CA CYS A 300 20.72 -2.63 4.39
C CYS A 300 21.69 -3.49 3.57
N SER A 301 21.23 -4.17 2.50
CA SER A 301 22.10 -4.96 1.65
C SER A 301 22.26 -4.45 0.22
N GLY A 302 21.50 -3.44 -0.20
CA GLY A 302 21.71 -2.85 -1.50
C GLY A 302 21.14 -3.63 -2.67
N VAL A 303 20.00 -4.28 -2.48
CA VAL A 303 19.35 -5.01 -3.57
C VAL A 303 18.93 -4.02 -4.65
N THR A 304 19.20 -4.36 -5.91
CA THR A 304 18.79 -3.56 -7.05
C THR A 304 17.79 -4.32 -7.91
N PHE A 305 17.29 -3.65 -8.96
CA PHE A 305 16.19 -4.21 -9.74
C PHE A 305 16.46 -4.05 -11.23
N GLN A 306 16.32 -5.18 -11.93
CA GLN A 306 16.71 -5.38 -13.33
C GLN A 306 17.93 -4.54 -13.72
N SER B 2 -19.71 11.77 9.16
CA SER B 2 -18.68 10.96 8.49
C SER B 2 -19.18 10.46 7.13
N GLY B 3 -18.43 10.76 6.06
CA GLY B 3 -18.75 10.22 4.76
C GLY B 3 -17.53 9.87 3.93
N VAL B 4 -17.53 8.68 3.32
CA VAL B 4 -16.49 8.33 2.37
C VAL B 4 -16.52 9.31 1.20
N THR B 5 -15.34 9.72 0.72
CA THR B 5 -15.21 10.62 -0.42
C THR B 5 -14.45 9.94 -1.55
N PHE B 6 -15.12 9.77 -2.69
CA PHE B 6 -14.45 9.25 -3.87
C PHE B 6 -13.37 10.22 -4.33
N GLN B 7 -12.26 9.68 -4.80
CA GLN B 7 -11.19 10.54 -5.29
C GLN B 7 -10.88 10.20 -6.74
#